data_9KBU
#
_entry.id   9KBU
#
_cell.length_a   119.545
_cell.length_b   119.545
_cell.length_c   59.575
_cell.angle_alpha   90.000
_cell.angle_beta   90.000
_cell.angle_gamma   120.000
#
_symmetry.space_group_name_H-M   'P 31 2 1'
#
loop_
_entity.id
_entity.type
_entity.pdbx_description
1 polymer Ankyrin
2 non-polymer 'SULFATE ION'
3 non-polymer 'CHLORIDE ION'
4 non-polymer 2-AMINO-2-HYDROXYMETHYL-PROPANE-1,3-DIOL
5 water water
#
_entity_poly.entity_id   1
_entity_poly.type   'polypeptide(L)'
_entity_poly.pdbx_seq_one_letter_code
;MGGSHHHHHHGSDLGKKLLEAARAGQDDEVRILMANGADVNASDKAGLTPLRLAARTGHLEIVEVLLKYGADVNATDIYG
RTPLHLAAGYGHLEIVEVLLKHGADVNANDQLGDTPLHLAAHWGHLEIVEVLLKYGADVNAQDKFGKTAFDISIDNGNED
LAEILQKLN
;
_entity_poly.pdbx_strand_id   A,B
#
loop_
_chem_comp.id
_chem_comp.type
_chem_comp.name
_chem_comp.formula
CL non-polymer 'CHLORIDE ION' 'Cl -1'
SO4 non-polymer 'SULFATE ION' 'O4 S -2'
TRS non-polymer 2-AMINO-2-HYDROXYMETHYL-PROPANE-1,3-DIOL 'C4 H12 N O3 1'
#
# COMPACT_ATOMS: atom_id res chain seq x y z
N GLY A 11 6.81 -26.13 14.92
CA GLY A 11 7.70 -25.46 15.85
C GLY A 11 8.85 -24.77 15.15
N SER A 12 9.85 -25.58 14.78
CA SER A 12 11.07 -25.07 14.14
C SER A 12 11.22 -25.66 12.75
N ASP A 13 11.52 -26.96 12.64
CA ASP A 13 11.53 -27.66 11.35
C ASP A 13 10.13 -27.67 10.74
N LEU A 14 9.13 -28.12 11.51
CA LEU A 14 7.76 -28.03 11.04
C LEU A 14 7.31 -26.58 10.85
N GLY A 15 7.76 -25.69 11.73
CA GLY A 15 7.46 -24.27 11.58
C GLY A 15 7.90 -23.69 10.24
N LYS A 16 9.14 -23.95 9.85
CA LYS A 16 9.63 -23.52 8.54
C LYS A 16 8.76 -24.07 7.41
N LYS A 17 8.43 -25.36 7.47
CA LYS A 17 7.61 -25.96 6.42
C LYS A 17 6.22 -25.38 6.41
N LEU A 18 5.67 -25.06 7.59
CA LEU A 18 4.33 -24.48 7.67
C LEU A 18 4.29 -23.10 7.02
N LEU A 19 5.29 -22.26 7.31
CA LEU A 19 5.36 -20.95 6.66
C LEU A 19 5.41 -21.10 5.16
N GLU A 20 6.25 -22.01 4.68
CA GLU A 20 6.35 -22.22 3.23
CA GLU A 20 6.37 -22.29 3.25
C GLU A 20 5.03 -22.74 2.66
N ALA A 21 4.35 -23.66 3.36
CA ALA A 21 3.10 -24.19 2.82
C ALA A 21 2.02 -23.12 2.76
N ALA A 22 2.00 -22.23 3.77
CA ALA A 22 1.00 -21.17 3.79
C ALA A 22 1.16 -20.24 2.57
N ARG A 23 2.36 -19.75 2.32
CA ARG A 23 2.50 -18.83 1.19
C ARG A 23 2.50 -19.55 -0.16
N ALA A 24 2.66 -20.87 -0.17
CA ALA A 24 2.62 -21.64 -1.41
C ALA A 24 1.22 -22.10 -1.75
N GLY A 25 0.26 -21.97 -0.83
CA GLY A 25 -1.12 -22.35 -1.03
C GLY A 25 -1.39 -23.83 -0.93
N GLN A 26 -0.55 -24.58 -0.20
CA GLN A 26 -0.67 -26.04 -0.12
C GLN A 26 -1.57 -26.42 1.04
N ASP A 27 -2.90 -26.42 0.77
CA ASP A 27 -3.92 -26.59 1.79
C ASP A 27 -3.69 -27.80 2.71
N ASP A 28 -3.54 -28.98 2.12
CA ASP A 28 -3.45 -30.18 2.96
C ASP A 28 -2.08 -30.35 3.61
N GLU A 29 -1.01 -29.84 2.99
CA GLU A 29 0.26 -29.79 3.72
C GLU A 29 0.12 -28.97 4.99
N VAL A 30 -0.61 -27.86 4.95
CA VAL A 30 -0.88 -27.10 6.17
C VAL A 30 -1.63 -27.96 7.19
N ARG A 31 -2.69 -28.64 6.73
CA ARG A 31 -3.48 -29.45 7.67
C ARG A 31 -2.63 -30.55 8.29
N ILE A 32 -1.81 -31.18 7.47
CA ILE A 32 -0.91 -32.24 7.96
C ILE A 32 0.11 -31.70 8.94
N LEU A 33 0.73 -30.54 8.63
CA LEU A 33 1.72 -29.98 9.55
C LEU A 33 1.09 -29.60 10.88
N MET A 34 -0.10 -29.01 10.85
CA MET A 34 -0.82 -28.67 12.08
C MET A 34 -1.18 -29.91 12.88
N ALA A 35 -1.62 -30.98 12.21
CA ALA A 35 -1.95 -32.22 12.90
C ALA A 35 -0.73 -32.84 13.57
N ASN A 36 0.47 -32.69 12.98
CA ASN A 36 1.72 -33.17 13.56
C ASN A 36 2.39 -32.21 14.54
N GLY A 37 1.72 -31.16 14.98
CA GLY A 37 2.19 -30.35 16.07
C GLY A 37 2.91 -29.07 15.70
N ALA A 38 2.86 -28.64 14.44
CA ALA A 38 3.56 -27.43 14.03
C ALA A 38 3.08 -26.23 14.84
N ASP A 39 3.98 -25.28 15.08
CA ASP A 39 3.63 -24.07 15.83
C ASP A 39 2.81 -23.14 14.93
N VAL A 40 1.56 -22.91 15.32
CA VAL A 40 0.63 -22.14 14.48
C VAL A 40 1.13 -20.72 14.30
N ASN A 41 1.89 -20.20 15.27
CA ASN A 41 2.45 -18.86 15.19
C ASN A 41 3.95 -18.86 14.92
N ALA A 42 4.46 -19.90 14.25
CA ALA A 42 5.84 -19.91 13.79
C ALA A 42 6.13 -18.62 13.02
N SER A 43 7.31 -18.06 13.18
CA SER A 43 7.61 -16.77 12.57
CA SER A 43 7.63 -16.75 12.60
C SER A 43 8.83 -16.89 11.68
N ASP A 44 8.72 -16.35 10.46
CA ASP A 44 9.83 -16.41 9.53
C ASP A 44 10.89 -15.39 9.98
N LYS A 45 11.91 -15.20 9.15
CA LYS A 45 13.00 -14.29 9.52
C LYS A 45 12.50 -12.85 9.68
N ALA A 46 11.43 -12.48 9.01
CA ALA A 46 10.88 -11.13 9.14
C ALA A 46 9.90 -11.02 10.30
N GLY A 47 9.64 -12.12 11.03
CA GLY A 47 8.68 -12.15 12.12
C GLY A 47 7.24 -12.37 11.73
N LEU A 48 6.98 -12.74 10.47
CA LEU A 48 5.63 -12.95 9.95
C LEU A 48 5.18 -14.39 10.19
N THR A 49 3.91 -14.57 10.49
CA THR A 49 3.32 -15.85 10.87
C THR A 49 2.56 -16.48 9.69
N PRO A 50 2.28 -17.78 9.77
CA PRO A 50 1.51 -18.43 8.69
C PRO A 50 0.22 -17.72 8.36
N LEU A 51 -0.52 -17.23 9.37
CA LEU A 51 -1.78 -16.56 9.08
C LEU A 51 -1.56 -15.31 8.25
N ARG A 52 -0.51 -14.55 8.57
CA ARG A 52 -0.19 -13.35 7.80
C ARG A 52 0.17 -13.72 6.36
N LEU A 53 0.96 -14.80 6.16
CA LEU A 53 1.31 -15.20 4.80
C LEU A 53 0.09 -15.68 4.02
N ALA A 54 -0.81 -16.43 4.68
CA ALA A 54 -1.99 -16.92 3.99
C ALA A 54 -2.96 -15.78 3.68
N ALA A 55 -3.00 -14.78 4.56
CA ALA A 55 -3.88 -13.65 4.33
C ALA A 55 -3.45 -12.84 3.14
N ARG A 56 -2.15 -12.59 2.99
CA ARG A 56 -1.74 -11.75 1.86
C ARG A 56 -1.89 -12.51 0.53
N THR A 57 -1.68 -13.84 0.54
CA THR A 57 -1.78 -14.63 -0.68
C THR A 57 -3.21 -15.01 -1.03
N GLY A 58 -4.18 -14.75 -0.16
CA GLY A 58 -5.56 -14.99 -0.51
C GLY A 58 -5.97 -16.43 -0.35
N HIS A 59 -5.28 -17.21 0.49
CA HIS A 59 -5.62 -18.65 0.66
C HIS A 59 -6.61 -18.84 1.79
N LEU A 60 -7.90 -18.86 1.42
CA LEU A 60 -9.00 -18.87 2.39
C LEU A 60 -9.01 -20.13 3.24
N GLU A 61 -8.93 -21.29 2.59
CA GLU A 61 -8.96 -22.54 3.34
C GLU A 61 -7.82 -22.59 4.37
N ILE A 62 -6.63 -22.16 3.98
CA ILE A 62 -5.50 -22.17 4.93
C ILE A 62 -5.74 -21.19 6.08
N VAL A 63 -6.26 -19.99 5.79
CA VAL A 63 -6.62 -19.05 6.86
C VAL A 63 -7.59 -19.71 7.83
N GLU A 64 -8.62 -20.39 7.30
CA GLU A 64 -9.62 -21.01 8.18
C GLU A 64 -9.00 -22.09 9.06
N VAL A 65 -8.13 -22.91 8.48
CA VAL A 65 -7.47 -23.98 9.22
C VAL A 65 -6.56 -23.41 10.30
N LEU A 66 -5.78 -22.36 9.97
CA LEU A 66 -4.89 -21.76 10.96
C LEU A 66 -5.68 -21.18 12.11
N LEU A 67 -6.82 -20.53 11.82
CA LEU A 67 -7.63 -19.95 12.89
C LEU A 67 -8.22 -21.05 13.77
N LYS A 68 -8.62 -22.18 13.15
CA LYS A 68 -9.11 -23.31 13.93
C LYS A 68 -8.08 -23.81 14.93
N TYR A 69 -6.82 -23.86 14.53
CA TYR A 69 -5.71 -24.22 15.41
C TYR A 69 -5.23 -23.08 16.31
N GLY A 70 -5.94 -21.97 16.41
CA GLY A 70 -5.59 -20.94 17.36
C GLY A 70 -4.59 -19.91 16.91
N ALA A 71 -4.45 -19.68 15.61
CA ALA A 71 -3.54 -18.64 15.14
C ALA A 71 -3.90 -17.30 15.77
N ASP A 72 -2.88 -16.53 16.10
CA ASP A 72 -3.09 -15.20 16.67
C ASP A 72 -3.58 -14.28 15.56
N VAL A 73 -4.86 -13.90 15.64
CA VAL A 73 -5.50 -13.16 14.55
C VAL A 73 -4.93 -11.75 14.45
N ASN A 74 -4.33 -11.24 15.52
CA ASN A 74 -3.80 -9.89 15.53
C ASN A 74 -2.27 -9.88 15.66
N ALA A 75 -1.59 -10.91 15.15
CA ALA A 75 -0.13 -10.88 15.13
C ALA A 75 0.32 -9.63 14.38
N THR A 76 1.27 -8.90 14.95
CA THR A 76 1.64 -7.60 14.42
C THR A 76 3.14 -7.59 14.14
N ASP A 77 3.54 -7.12 12.96
CA ASP A 77 4.96 -7.03 12.69
C ASP A 77 5.52 -5.74 13.27
N ILE A 78 6.83 -5.55 13.08
CA ILE A 78 7.55 -4.45 13.70
C ILE A 78 7.12 -3.11 13.09
N TYR A 79 6.43 -3.17 11.95
CA TYR A 79 5.94 -1.99 11.27
C TYR A 79 4.45 -1.79 11.51
N GLY A 80 3.87 -2.59 12.40
CA GLY A 80 2.50 -2.45 12.80
C GLY A 80 1.48 -3.13 11.89
N ARG A 81 1.90 -3.87 10.88
CA ARG A 81 0.91 -4.49 10.00
C ARG A 81 0.41 -5.80 10.59
N THR A 82 -0.88 -6.08 10.34
CA THR A 82 -1.59 -7.25 10.84
C THR A 82 -2.15 -8.05 9.66
N PRO A 83 -2.61 -9.29 9.89
CA PRO A 83 -3.24 -10.05 8.80
C PRO A 83 -4.41 -9.31 8.17
N LEU A 84 -5.19 -8.59 8.99
CA LEU A 84 -6.32 -7.85 8.41
C LEU A 84 -5.85 -6.73 7.48
N HIS A 85 -4.75 -6.05 7.81
CA HIS A 85 -4.18 -5.08 6.88
C HIS A 85 -3.94 -5.71 5.52
N LEU A 86 -3.31 -6.88 5.51
CA LEU A 86 -2.89 -7.45 4.25
C LEU A 86 -4.09 -8.02 3.50
N ALA A 87 -5.05 -8.61 4.21
CA ALA A 87 -6.23 -9.12 3.50
C ALA A 87 -7.01 -7.96 2.87
N ALA A 88 -7.13 -6.83 3.58
CA ALA A 88 -7.84 -5.69 2.99
C ALA A 88 -7.03 -5.07 1.87
N GLY A 89 -5.72 -4.94 2.05
CA GLY A 89 -4.80 -4.33 1.10
C GLY A 89 -4.60 -5.13 -0.18
N TYR A 90 -4.94 -6.43 -0.18
CA TYR A 90 -4.85 -7.24 -1.38
C TYR A 90 -6.22 -7.71 -1.83
N GLY A 91 -7.29 -7.11 -1.32
CA GLY A 91 -8.59 -7.28 -1.92
C GLY A 91 -9.22 -8.63 -1.66
N HIS A 92 -8.94 -9.24 -0.51
CA HIS A 92 -9.38 -10.62 -0.22
C HIS A 92 -10.61 -10.56 0.69
N LEU A 93 -11.80 -10.50 0.06
CA LEU A 93 -13.02 -10.24 0.82
C LEU A 93 -13.34 -11.32 1.85
N GLU A 94 -13.33 -12.59 1.45
CA GLU A 94 -13.72 -13.62 2.40
C GLU A 94 -12.71 -13.78 3.53
N ILE A 95 -11.42 -13.55 3.25
CA ILE A 95 -10.45 -13.55 4.34
C ILE A 95 -10.70 -12.42 5.31
N VAL A 96 -10.99 -11.22 4.79
CA VAL A 96 -11.36 -10.11 5.67
C VAL A 96 -12.52 -10.52 6.56
N GLU A 97 -13.54 -11.15 5.96
CA GLU A 97 -14.73 -11.52 6.73
C GLU A 97 -14.39 -12.53 7.83
N VAL A 98 -13.59 -13.55 7.52
CA VAL A 98 -13.26 -14.58 8.50
CA VAL A 98 -13.32 -14.56 8.55
C VAL A 98 -12.36 -14.02 9.61
N LEU A 99 -11.41 -13.16 9.24
CA LEU A 99 -10.53 -12.57 10.26
C LEU A 99 -11.33 -11.75 11.25
N LEU A 100 -12.24 -10.92 10.74
CA LEU A 100 -13.05 -10.10 11.62
C LEU A 100 -13.96 -10.95 12.50
N LYS A 101 -14.52 -12.02 11.93
CA LYS A 101 -15.36 -12.91 12.71
C LYS A 101 -14.58 -13.56 13.84
N HIS A 102 -13.27 -13.70 13.68
CA HIS A 102 -12.40 -14.28 14.70
C HIS A 102 -11.65 -13.22 15.52
N GLY A 103 -12.15 -11.98 15.55
CA GLY A 103 -11.66 -10.99 16.48
C GLY A 103 -10.54 -10.10 15.98
N ALA A 104 -10.30 -10.02 14.67
CA ALA A 104 -9.26 -9.12 14.17
C ALA A 104 -9.60 -7.68 14.54
N ASP A 105 -8.57 -6.90 14.89
CA ASP A 105 -8.75 -5.52 15.34
CA ASP A 105 -8.76 -5.53 15.35
C ASP A 105 -9.00 -4.60 14.16
N VAL A 106 -10.25 -4.13 14.05
CA VAL A 106 -10.65 -3.42 12.85
C VAL A 106 -9.95 -2.08 12.73
N ASN A 107 -9.49 -1.49 13.85
CA ASN A 107 -8.89 -0.17 13.79
C ASN A 107 -7.38 -0.18 14.06
N ALA A 108 -6.72 -1.34 13.88
CA ALA A 108 -5.28 -1.42 14.06
C ALA A 108 -4.55 -0.44 13.16
N ASN A 109 -3.67 0.37 13.74
CA ASN A 109 -2.84 1.32 13.01
C ASN A 109 -1.48 0.69 12.73
N ASP A 110 -1.00 0.80 11.48
CA ASP A 110 0.40 0.44 11.23
C ASP A 110 1.28 1.65 11.52
N GLN A 111 2.58 1.54 11.17
CA GLN A 111 3.52 2.61 11.53
C GLN A 111 3.23 3.92 10.80
N LEU A 112 2.52 3.88 9.67
CA LEU A 112 2.12 5.10 8.99
C LEU A 112 0.76 5.62 9.47
N GLY A 113 0.18 4.98 10.49
CA GLY A 113 -1.16 5.32 10.94
C GLY A 113 -2.27 4.82 10.05
N ASP A 114 -1.98 3.92 9.12
CA ASP A 114 -3.00 3.36 8.25
C ASP A 114 -3.68 2.18 8.92
N THR A 115 -5.01 2.17 8.84
CA THR A 115 -5.89 1.10 9.25
C THR A 115 -6.21 0.23 8.06
N PRO A 116 -6.81 -0.95 8.29
CA PRO A 116 -7.26 -1.75 7.15
C PRO A 116 -8.21 -0.99 6.23
N LEU A 117 -9.08 -0.12 6.79
CA LEU A 117 -9.97 0.66 5.93
C LEU A 117 -9.19 1.55 4.95
N HIS A 118 -8.12 2.20 5.40
CA HIS A 118 -7.30 3.00 4.47
C HIS A 118 -6.78 2.16 3.32
N LEU A 119 -6.32 0.93 3.61
CA LEU A 119 -5.78 0.09 2.54
C LEU A 119 -6.88 -0.44 1.62
N ALA A 120 -8.04 -0.82 2.18
CA ALA A 120 -9.19 -1.24 1.37
C ALA A 120 -9.63 -0.11 0.44
N ALA A 121 -9.60 1.13 0.93
CA ALA A 121 -9.94 2.28 0.09
C ALA A 121 -8.96 2.45 -1.05
N HIS A 122 -7.66 2.29 -0.78
CA HIS A 122 -6.67 2.34 -1.84
C HIS A 122 -6.94 1.23 -2.87
N TRP A 123 -7.27 0.02 -2.41
CA TRP A 123 -7.51 -1.05 -3.38
C TRP A 123 -8.82 -0.83 -4.13
N GLY A 124 -9.72 -0.02 -3.58
CA GLY A 124 -11.02 0.29 -4.18
C GLY A 124 -12.06 -0.79 -3.97
N HIS A 125 -11.94 -1.59 -2.90
CA HIS A 125 -12.82 -2.74 -2.67
C HIS A 125 -14.04 -2.34 -1.84
N LEU A 126 -15.19 -2.20 -2.52
CA LEU A 126 -16.39 -1.70 -1.86
CA LEU A 126 -16.38 -1.69 -1.85
C LEU A 126 -16.92 -2.66 -0.81
N GLU A 127 -16.88 -3.96 -1.09
CA GLU A 127 -17.42 -4.91 -0.14
C GLU A 127 -16.52 -5.04 1.10
N ILE A 128 -15.20 -4.95 0.91
CA ILE A 128 -14.33 -4.92 2.09
C ILE A 128 -14.57 -3.65 2.91
N VAL A 129 -14.66 -2.50 2.26
CA VAL A 129 -15.03 -1.28 2.97
C VAL A 129 -16.32 -1.49 3.78
N GLU A 130 -17.32 -2.11 3.16
CA GLU A 130 -18.60 -2.33 3.84
C GLU A 130 -18.43 -3.16 5.11
N VAL A 131 -17.74 -4.29 5.00
CA VAL A 131 -17.54 -5.20 6.14
CA VAL A 131 -17.64 -5.16 6.17
C VAL A 131 -16.78 -4.52 7.26
N LEU A 132 -15.74 -3.76 6.90
CA LEU A 132 -14.93 -3.08 7.92
C LEU A 132 -15.78 -2.08 8.68
N LEU A 133 -16.63 -1.35 7.96
CA LEU A 133 -17.52 -0.40 8.62
C LEU A 133 -18.53 -1.12 9.51
N LYS A 134 -19.06 -2.26 9.06
CA LYS A 134 -19.98 -3.03 9.88
C LYS A 134 -19.33 -3.45 11.19
N TYR A 135 -18.03 -3.72 11.16
CA TYR A 135 -17.32 -4.13 12.37
C TYR A 135 -16.75 -2.96 13.15
N GLY A 136 -17.06 -1.73 12.76
CA GLY A 136 -16.74 -0.58 13.57
C GLY A 136 -15.55 0.24 13.13
N ALA A 137 -15.12 0.11 11.89
CA ALA A 137 -14.05 0.98 11.41
C ALA A 137 -14.50 2.43 11.48
N ASP A 138 -13.57 3.32 11.80
CA ASP A 138 -13.86 4.74 11.88
C ASP A 138 -13.59 5.36 10.51
N VAL A 139 -14.66 5.72 9.81
CA VAL A 139 -14.46 6.18 8.45
C VAL A 139 -13.69 7.49 8.39
N ASN A 140 -13.62 8.25 9.49
CA ASN A 140 -12.94 9.55 9.50
C ASN A 140 -11.50 9.50 10.00
N ALA A 141 -10.99 8.31 10.32
CA ALA A 141 -9.62 8.19 10.80
C ALA A 141 -8.62 8.75 9.80
N GLN A 142 -7.64 9.49 10.31
CA GLN A 142 -6.57 10.04 9.49
C GLN A 142 -5.30 9.28 9.79
N ASP A 143 -4.49 9.04 8.75
CA ASP A 143 -3.20 8.41 8.99
C ASP A 143 -2.21 9.51 9.35
N LYS A 144 -0.93 9.16 9.51
CA LYS A 144 0.02 10.13 10.02
C LYS A 144 0.24 11.29 9.06
N PHE A 145 -0.05 11.11 7.78
CA PHE A 145 0.08 12.17 6.81
C PHE A 145 -1.25 12.87 6.56
N GLY A 146 -2.22 12.66 7.45
CA GLY A 146 -3.48 13.38 7.39
C GLY A 146 -4.51 12.85 6.41
N LYS A 147 -4.35 11.64 5.88
CA LYS A 147 -5.28 11.14 4.88
C LYS A 147 -6.37 10.29 5.51
N THR A 148 -7.60 10.50 5.07
CA THR A 148 -8.66 9.56 5.39
CA THR A 148 -8.74 9.62 5.35
C THR A 148 -8.89 8.62 4.21
N ALA A 149 -9.79 7.64 4.42
CA ALA A 149 -10.15 6.69 3.36
C ALA A 149 -10.69 7.43 2.14
N PHE A 150 -11.46 8.48 2.38
CA PHE A 150 -11.96 9.28 1.27
C PHE A 150 -10.82 9.92 0.48
N ASP A 151 -9.86 10.56 1.17
CA ASP A 151 -8.73 11.15 0.45
C ASP A 151 -7.98 10.13 -0.38
N ILE A 152 -7.75 8.95 0.21
CA ILE A 152 -7.05 7.90 -0.50
C ILE A 152 -7.80 7.48 -1.76
N SER A 153 -9.12 7.29 -1.65
CA SER A 153 -9.89 6.86 -2.80
CA SER A 153 -9.92 6.88 -2.81
C SER A 153 -9.86 7.92 -3.90
N ILE A 154 -9.97 9.20 -3.54
CA ILE A 154 -9.86 10.30 -4.49
C ILE A 154 -8.50 10.31 -5.16
N ASP A 155 -7.43 10.23 -4.35
CA ASP A 155 -6.07 10.29 -4.86
C ASP A 155 -5.77 9.16 -5.82
N ASN A 156 -6.35 7.97 -5.60
CA ASN A 156 -6.11 6.83 -6.47
C ASN A 156 -6.99 6.83 -7.71
N GLY A 157 -7.95 7.75 -7.79
CA GLY A 157 -8.91 7.72 -8.88
C GLY A 157 -9.98 6.68 -8.74
N ASN A 158 -10.32 6.28 -7.51
CA ASN A 158 -11.37 5.29 -7.30
C ASN A 158 -12.62 6.15 -7.11
N GLU A 159 -13.14 6.63 -8.25
CA GLU A 159 -14.23 7.63 -8.23
C GLU A 159 -15.50 7.11 -7.62
N ASP A 160 -15.89 5.86 -7.95
CA ASP A 160 -17.07 5.25 -7.35
C ASP A 160 -17.01 5.26 -5.85
N LEU A 161 -15.94 4.72 -5.28
CA LEU A 161 -15.82 4.66 -3.84
C LEU A 161 -15.79 6.05 -3.23
N ALA A 162 -15.03 6.96 -3.85
CA ALA A 162 -14.90 8.31 -3.31
C ALA A 162 -16.25 8.99 -3.24
N GLU A 163 -17.08 8.77 -4.25
CA GLU A 163 -18.41 9.34 -4.32
C GLU A 163 -19.24 8.91 -3.10
N ILE A 164 -19.16 7.62 -2.78
CA ILE A 164 -19.90 7.07 -1.65
C ILE A 164 -19.32 7.51 -0.33
N LEU A 165 -17.99 7.44 -0.20
CA LEU A 165 -17.37 7.81 1.05
C LEU A 165 -17.65 9.28 1.38
N GLN A 166 -17.74 10.12 0.35
CA GLN A 166 -18.02 11.55 0.57
CA GLN A 166 -18.01 11.54 0.57
C GLN A 166 -19.30 11.76 1.36
N LYS A 167 -20.29 10.87 1.23
CA LYS A 167 -21.54 11.00 1.96
C LYS A 167 -21.37 10.73 3.45
N LEU A 168 -20.30 10.08 3.87
CA LEU A 168 -20.05 9.86 5.28
C LEU A 168 -19.13 10.91 5.88
N ASN A 169 -18.63 11.84 5.06
CA ASN A 169 -17.78 12.96 5.50
C ASN A 169 -18.61 13.89 6.38
N ASP B 13 5.14 32.77 5.70
CA ASP B 13 4.30 31.63 6.00
C ASP B 13 3.82 31.11 4.60
N LEU B 14 4.59 31.49 3.58
CA LEU B 14 4.16 31.10 2.22
C LEU B 14 4.31 29.59 2.07
N GLY B 15 5.36 29.02 2.65
CA GLY B 15 5.60 27.56 2.60
C GLY B 15 4.36 26.76 2.97
N LYS B 16 3.73 27.10 4.08
CA LYS B 16 2.55 26.33 4.54
C LYS B 16 1.42 26.50 3.54
N LYS B 17 1.22 27.73 3.08
CA LYS B 17 0.14 28.00 2.10
C LYS B 17 0.43 27.22 0.81
N LEU B 18 1.70 27.13 0.40
CA LEU B 18 2.07 26.38 -0.80
C LEU B 18 1.78 24.89 -0.58
N LEU B 19 2.17 24.37 0.58
CA LEU B 19 1.87 22.97 0.91
C LEU B 19 0.36 22.75 0.83
N GLU B 20 -0.41 23.65 1.44
CA GLU B 20 -1.86 23.53 1.40
C GLU B 20 -2.42 23.59 -0.01
N ALA B 21 -1.89 24.50 -0.81
CA ALA B 21 -2.41 24.65 -2.17
C ALA B 21 -2.08 23.43 -3.02
N ALA B 22 -0.85 22.91 -2.88
CA ALA B 22 -0.41 21.77 -3.69
C ALA B 22 -1.29 20.54 -3.42
N ARG B 23 -1.59 20.31 -2.15
CA ARG B 23 -2.50 19.20 -1.80
C ARG B 23 -3.92 19.41 -2.35
N ALA B 24 -4.46 20.62 -2.27
CA ALA B 24 -5.84 20.83 -2.68
C ALA B 24 -5.98 20.94 -4.18
N GLY B 25 -4.88 21.00 -4.90
CA GLY B 25 -4.98 21.11 -6.35
C GLY B 25 -5.37 22.49 -6.81
N GLN B 26 -5.05 23.51 -6.01
CA GLN B 26 -5.38 24.89 -6.35
C GLN B 26 -4.24 25.43 -7.20
N ASP B 27 -4.33 25.11 -8.50
CA ASP B 27 -3.25 25.41 -9.45
C ASP B 27 -2.88 26.88 -9.42
N ASP B 28 -3.88 27.75 -9.52
CA ASP B 28 -3.58 29.17 -9.67
C ASP B 28 -3.01 29.73 -8.37
N GLU B 29 -3.50 29.23 -7.23
CA GLU B 29 -2.92 29.61 -5.95
C GLU B 29 -1.46 29.19 -5.83
N VAL B 30 -1.12 27.97 -6.28
CA VAL B 30 0.27 27.55 -6.27
C VAL B 30 1.10 28.51 -7.09
N ARG B 31 0.63 28.83 -8.29
CA ARG B 31 1.40 29.69 -9.19
C ARG B 31 1.61 31.09 -8.61
N ILE B 32 0.55 31.68 -8.03
CA ILE B 32 0.69 33.02 -7.45
C ILE B 32 1.59 32.98 -6.21
N LEU B 33 1.47 31.95 -5.37
CA LEU B 33 2.37 31.87 -4.22
C LEU B 33 3.81 31.75 -4.66
N MET B 34 4.07 30.90 -5.68
CA MET B 34 5.41 30.76 -6.21
C MET B 34 5.89 32.09 -6.80
N ALA B 35 5.02 32.78 -7.56
CA ALA B 35 5.41 34.05 -8.16
C ALA B 35 5.77 35.10 -7.10
N ASN B 36 5.10 35.07 -5.96
CA ASN B 36 5.39 35.95 -4.84
C ASN B 36 6.54 35.46 -3.97
N GLY B 37 7.23 34.39 -4.35
CA GLY B 37 8.45 33.97 -3.68
C GLY B 37 8.38 32.79 -2.71
N ALA B 38 7.29 32.01 -2.70
CA ALA B 38 7.22 30.85 -1.80
C ALA B 38 8.35 29.85 -2.10
N ASP B 39 8.83 29.16 -1.06
CA ASP B 39 9.93 28.19 -1.21
C ASP B 39 9.43 26.89 -1.85
N VAL B 40 9.98 26.52 -3.01
CA VAL B 40 9.50 25.32 -3.75
C VAL B 40 9.88 24.05 -3.00
N ASN B 41 10.98 24.08 -2.24
CA ASN B 41 11.48 22.89 -1.52
C ASN B 41 11.06 23.03 -0.05
N ALA B 42 9.96 23.72 0.20
CA ALA B 42 9.43 23.82 1.56
C ALA B 42 9.15 22.41 2.06
N SER B 43 9.33 22.19 3.36
CA SER B 43 9.14 20.84 3.92
C SER B 43 8.34 20.93 5.21
N ASP B 44 7.50 19.93 5.44
CA ASP B 44 6.73 19.89 6.71
C ASP B 44 7.47 19.02 7.73
N LYS B 45 6.83 18.72 8.85
CA LYS B 45 7.44 17.93 9.94
C LYS B 45 7.78 16.53 9.42
N ALA B 46 6.97 16.01 8.50
CA ALA B 46 7.19 14.63 8.03
C ALA B 46 8.13 14.62 6.82
N GLY B 47 8.57 15.81 6.38
CA GLY B 47 9.44 15.91 5.21
C GLY B 47 8.63 15.97 3.93
N LEU B 48 7.32 16.16 4.06
CA LEU B 48 6.42 16.25 2.89
C LEU B 48 6.65 17.59 2.19
N THR B 49 6.82 17.54 0.88
CA THR B 49 7.11 18.76 0.09
C THR B 49 5.97 19.00 -0.90
N PRO B 50 5.79 20.23 -1.40
CA PRO B 50 4.77 20.49 -2.41
C PRO B 50 4.82 19.46 -3.54
N LEU B 51 6.00 19.16 -4.06
CA LEU B 51 6.06 18.20 -5.16
C LEU B 51 5.48 16.86 -4.76
N ARG B 52 5.78 16.40 -3.55
CA ARG B 52 5.26 15.13 -3.06
C ARG B 52 3.74 15.16 -2.93
N LEU B 53 3.21 16.26 -2.37
CA LEU B 53 1.76 16.36 -2.18
C LEU B 53 1.04 16.41 -3.52
N ALA B 54 1.62 17.10 -4.51
CA ALA B 54 1.00 17.14 -5.82
C ALA B 54 1.14 15.80 -6.55
N ALA B 55 2.24 15.09 -6.31
CA ALA B 55 2.43 13.79 -6.92
C ALA B 55 1.42 12.78 -6.38
N ARG B 56 1.12 12.85 -5.08
CA ARG B 56 0.14 11.94 -4.50
C ARG B 56 -1.27 12.25 -4.97
N THR B 57 -1.63 13.55 -5.02
CA THR B 57 -3.00 13.87 -5.34
C THR B 57 -3.24 13.92 -6.84
N GLY B 58 -2.18 13.83 -7.65
CA GLY B 58 -2.34 13.71 -9.08
C GLY B 58 -2.49 15.01 -9.85
N HIS B 59 -1.96 16.13 -9.33
CA HIS B 59 -2.06 17.42 -10.03
C HIS B 59 -0.83 17.66 -10.90
N LEU B 60 -0.94 17.30 -12.19
CA LEU B 60 0.19 17.30 -13.12
C LEU B 60 0.74 18.71 -13.34
N GLU B 61 -0.15 19.66 -13.55
CA GLU B 61 0.29 21.06 -13.80
C GLU B 61 1.11 21.57 -12.61
N ILE B 62 0.63 21.32 -11.40
CA ILE B 62 1.39 21.74 -10.24
C ILE B 62 2.74 21.03 -10.19
N VAL B 63 2.77 19.73 -10.50
CA VAL B 63 4.05 19.02 -10.56
C VAL B 63 5.02 19.70 -11.51
N GLU B 64 4.53 20.04 -12.71
CA GLU B 64 5.43 20.62 -13.72
C GLU B 64 5.97 21.99 -13.31
N VAL B 65 5.13 22.84 -12.73
CA VAL B 65 5.60 24.17 -12.33
C VAL B 65 6.59 24.06 -11.17
N LEU B 66 6.33 23.17 -10.20
CA LEU B 66 7.25 23.00 -9.09
C LEU B 66 8.62 22.54 -9.57
N LEU B 67 8.65 21.66 -10.56
CA LEU B 67 9.95 21.15 -11.03
C LEU B 67 10.68 22.28 -11.77
N LYS B 68 9.93 23.08 -12.53
CA LYS B 68 10.53 24.23 -13.26
C LYS B 68 11.16 25.18 -12.25
N TYR B 69 10.51 25.42 -11.12
CA TYR B 69 11.04 26.32 -10.06
C TYR B 69 12.16 25.64 -9.24
N GLY B 70 12.54 24.40 -9.57
CA GLY B 70 13.67 23.74 -8.90
C GLY B 70 13.29 22.82 -7.75
N ALA B 71 12.08 22.28 -7.76
CA ALA B 71 11.70 21.29 -6.71
C ALA B 71 12.63 20.08 -6.77
N ASP B 72 13.00 19.56 -5.61
CA ASP B 72 13.88 18.39 -5.55
C ASP B 72 13.06 17.15 -5.91
N VAL B 73 13.40 16.55 -7.05
CA VAL B 73 12.62 15.43 -7.58
C VAL B 73 12.73 14.20 -6.68
N ASN B 74 13.81 14.09 -5.89
CA ASN B 74 14.04 12.92 -5.05
C ASN B 74 13.95 13.22 -3.56
N ALA B 75 13.20 14.26 -3.19
CA ALA B 75 12.95 14.53 -1.78
C ALA B 75 12.26 13.36 -1.10
N THR B 76 12.63 13.08 0.16
CA THR B 76 12.12 11.93 0.91
C THR B 76 11.46 12.36 2.22
N ASP B 77 10.39 11.67 2.60
CA ASP B 77 9.76 11.89 3.89
C ASP B 77 10.58 11.13 4.94
N ILE B 78 10.13 11.14 6.20
CA ILE B 78 10.91 10.51 7.26
C ILE B 78 10.98 8.99 7.11
N TYR B 79 10.14 8.40 6.26
CA TYR B 79 10.14 6.95 6.02
C TYR B 79 10.76 6.57 4.68
N GLY B 80 11.39 7.52 3.99
CA GLY B 80 12.12 7.24 2.79
C GLY B 80 11.33 7.27 1.49
N ARG B 81 10.06 7.68 1.50
CA ARG B 81 9.30 7.67 0.27
C ARG B 81 9.53 8.97 -0.48
N THR B 82 9.46 8.89 -1.80
CA THR B 82 9.78 9.96 -2.75
C THR B 82 8.53 10.33 -3.54
N PRO B 83 8.53 11.47 -4.26
CA PRO B 83 7.37 11.76 -5.11
C PRO B 83 7.03 10.64 -6.08
N LEU B 84 8.05 9.99 -6.66
CA LEU B 84 7.81 8.90 -7.61
C LEU B 84 7.10 7.72 -6.95
N HIS B 85 7.45 7.41 -5.69
CA HIS B 85 6.72 6.37 -4.95
C HIS B 85 5.21 6.65 -4.98
N LEU B 86 4.82 7.88 -4.66
CA LEU B 86 3.41 8.18 -4.50
C LEU B 86 2.71 8.31 -5.84
N ALA B 87 3.38 8.88 -6.85
CA ALA B 87 2.76 8.92 -8.19
C ALA B 87 2.54 7.51 -8.73
N ALA B 88 3.48 6.60 -8.48
CA ALA B 88 3.31 5.21 -8.92
C ALA B 88 2.20 4.51 -8.15
N GLY B 89 2.15 4.70 -6.82
CA GLY B 89 1.14 4.03 -6.01
C GLY B 89 -0.29 4.52 -6.20
N TYR B 90 -0.47 5.77 -6.63
CA TYR B 90 -1.79 6.38 -6.78
C TYR B 90 -2.13 6.55 -8.26
N GLY B 91 -1.35 5.92 -9.12
CA GLY B 91 -1.75 5.69 -10.49
C GLY B 91 -1.68 6.89 -11.42
N HIS B 92 -0.78 7.84 -11.17
CA HIS B 92 -0.69 9.06 -11.98
C HIS B 92 0.42 8.88 -13.02
N LEU B 93 0.02 8.35 -14.18
CA LEU B 93 0.96 7.92 -15.20
C LEU B 93 1.79 9.07 -15.74
N GLU B 94 1.12 10.16 -16.12
CA GLU B 94 1.85 11.27 -16.71
C GLU B 94 2.81 11.90 -15.71
N ILE B 95 2.40 11.98 -14.44
CA ILE B 95 3.31 12.46 -13.41
C ILE B 95 4.50 11.54 -13.27
N VAL B 96 4.28 10.22 -13.29
CA VAL B 96 5.40 9.28 -13.25
C VAL B 96 6.38 9.57 -14.37
N GLU B 97 5.86 9.77 -15.59
CA GLU B 97 6.75 10.01 -16.73
C GLU B 97 7.52 11.31 -16.54
N VAL B 98 6.83 12.36 -16.10
CA VAL B 98 7.48 13.66 -15.90
C VAL B 98 8.58 13.56 -14.85
N LEU B 99 8.27 12.90 -13.71
CA LEU B 99 9.26 12.74 -12.66
C LEU B 99 10.49 11.97 -13.15
N LEU B 100 10.28 10.88 -13.91
CA LEU B 100 11.42 10.11 -14.40
C LEU B 100 12.27 10.92 -15.36
N LYS B 101 11.63 11.70 -16.24
CA LYS B 101 12.40 12.55 -17.17
C LYS B 101 13.18 13.63 -16.44
N HIS B 102 12.79 13.98 -15.21
CA HIS B 102 13.51 14.96 -14.42
C HIS B 102 14.44 14.32 -13.42
N GLY B 103 14.82 13.06 -13.63
CA GLY B 103 15.86 12.44 -12.84
C GLY B 103 15.40 11.70 -11.59
N ALA B 104 14.11 11.36 -11.48
CA ALA B 104 13.67 10.60 -10.31
C ALA B 104 14.35 9.24 -10.26
N ASP B 105 14.64 8.77 -9.04
CA ASP B 105 15.32 7.49 -8.87
C ASP B 105 14.30 6.35 -9.00
N VAL B 106 14.39 5.61 -10.12
CA VAL B 106 13.40 4.56 -10.40
C VAL B 106 13.45 3.46 -9.34
N ASN B 107 14.60 3.26 -8.68
CA ASN B 107 14.74 2.17 -7.73
C ASN B 107 14.88 2.65 -6.30
N ALA B 108 14.42 3.87 -6.00
CA ALA B 108 14.47 4.37 -4.64
C ALA B 108 13.71 3.45 -3.69
N ASN B 109 14.26 3.23 -2.51
CA ASN B 109 13.52 2.37 -1.63
CA ASN B 109 13.79 2.26 -1.54
C ASN B 109 13.38 2.99 -0.26
N ASP B 110 12.18 2.76 0.26
CA ASP B 110 11.78 3.41 1.50
C ASP B 110 12.21 2.50 2.67
N GLN B 111 11.77 2.84 3.87
CA GLN B 111 12.20 2.07 5.04
C GLN B 111 11.59 0.67 5.08
N LEU B 112 10.50 0.42 4.37
CA LEU B 112 9.98 -0.94 4.29
C LEU B 112 10.56 -1.73 3.13
N GLY B 113 11.54 -1.16 2.43
CA GLY B 113 12.08 -1.77 1.25
C GLY B 113 11.19 -1.67 0.03
N ASP B 114 10.16 -0.82 0.06
CA ASP B 114 9.26 -0.66 -1.08
C ASP B 114 9.92 0.27 -2.10
N THR B 115 9.90 -0.13 -3.36
CA THR B 115 10.27 0.68 -4.51
C THR B 115 9.02 1.21 -5.20
N PRO B 116 9.16 2.16 -6.13
CA PRO B 116 8.00 2.54 -6.93
C PRO B 116 7.37 1.37 -7.64
N LEU B 117 8.17 0.41 -8.14
CA LEU B 117 7.61 -0.77 -8.79
C LEU B 117 6.72 -1.57 -7.84
N HIS B 118 7.17 -1.76 -6.59
CA HIS B 118 6.35 -2.46 -5.60
CA HIS B 118 6.35 -2.43 -5.57
C HIS B 118 4.97 -1.80 -5.45
N LEU B 119 4.93 -0.45 -5.38
CA LEU B 119 3.66 0.23 -5.14
C LEU B 119 2.76 0.20 -6.37
N ALA B 120 3.32 0.43 -7.56
CA ALA B 120 2.51 0.33 -8.77
C ALA B 120 1.94 -1.08 -8.96
N ALA B 121 2.76 -2.12 -8.69
CA ALA B 121 2.24 -3.49 -8.78
C ALA B 121 1.19 -3.78 -7.72
N HIS B 122 1.41 -3.36 -6.47
CA HIS B 122 0.44 -3.60 -5.41
C HIS B 122 -0.92 -3.03 -5.77
N TRP B 123 -0.94 -1.77 -6.20
CA TRP B 123 -2.19 -1.08 -6.50
C TRP B 123 -2.67 -1.28 -7.94
N GLY B 124 -2.01 -2.14 -8.73
CA GLY B 124 -2.54 -2.56 -10.01
C GLY B 124 -2.47 -1.54 -11.13
N HIS B 125 -1.49 -0.63 -11.08
CA HIS B 125 -1.33 0.41 -12.09
C HIS B 125 -0.36 -0.11 -13.18
N LEU B 126 -0.96 -0.83 -14.15
CA LEU B 126 -0.16 -1.65 -15.06
C LEU B 126 0.66 -0.82 -16.05
N GLU B 127 0.08 0.24 -16.61
CA GLU B 127 0.86 1.07 -17.53
C GLU B 127 2.07 1.68 -16.82
N ILE B 128 1.91 2.08 -15.56
CA ILE B 128 3.03 2.58 -14.76
C ILE B 128 4.07 1.50 -14.53
N VAL B 129 3.62 0.27 -14.20
CA VAL B 129 4.59 -0.83 -14.10
C VAL B 129 5.44 -0.92 -15.35
N GLU B 130 4.81 -0.83 -16.52
CA GLU B 130 5.54 -0.95 -17.79
C GLU B 130 6.56 0.17 -17.96
N VAL B 131 6.17 1.41 -17.62
CA VAL B 131 7.10 2.54 -17.71
C VAL B 131 8.27 2.36 -16.75
N LEU B 132 7.97 1.99 -15.51
CA LEU B 132 9.04 1.80 -14.54
C LEU B 132 10.01 0.72 -15.02
N LEU B 133 9.49 -0.36 -15.60
CA LEU B 133 10.36 -1.42 -16.11
C LEU B 133 11.23 -0.90 -17.24
N LYS B 134 10.66 -0.09 -18.12
CA LYS B 134 11.42 0.50 -19.23
C LYS B 134 12.58 1.35 -18.71
N TYR B 135 12.40 2.02 -17.56
CA TYR B 135 13.44 2.85 -16.96
C TYR B 135 14.35 2.06 -16.03
N GLY B 136 14.21 0.75 -15.97
CA GLY B 136 15.13 -0.10 -15.25
C GLY B 136 14.67 -0.61 -13.88
N ALA B 137 13.38 -0.58 -13.58
CA ALA B 137 12.90 -1.14 -12.32
C ALA B 137 13.28 -2.63 -12.21
N ASP B 138 13.57 -3.09 -10.99
CA ASP B 138 14.08 -4.43 -10.73
C ASP B 138 12.98 -5.36 -10.22
N VAL B 139 12.56 -6.32 -11.05
CA VAL B 139 11.52 -7.24 -10.61
C VAL B 139 11.99 -8.17 -9.51
N ASN B 140 13.30 -8.25 -9.29
CA ASN B 140 13.84 -9.14 -8.27
C ASN B 140 14.12 -8.43 -6.95
N ALA B 141 13.97 -7.11 -6.88
CA ALA B 141 14.15 -6.40 -5.61
C ALA B 141 13.12 -6.87 -4.60
N GLN B 142 13.55 -7.06 -3.34
CA GLN B 142 12.67 -7.54 -2.28
C GLN B 142 12.39 -6.47 -1.22
N ASP B 143 11.17 -6.47 -0.68
CA ASP B 143 10.87 -5.55 0.41
C ASP B 143 11.34 -6.18 1.72
N LYS B 144 11.05 -5.52 2.84
CA LYS B 144 11.53 -6.01 4.13
C LYS B 144 10.92 -7.36 4.49
N PHE B 145 9.79 -7.71 3.89
CA PHE B 145 9.16 -8.99 4.13
C PHE B 145 9.52 -10.02 3.07
N GLY B 146 10.51 -9.73 2.23
CA GLY B 146 10.94 -10.66 1.22
C GLY B 146 10.10 -10.73 -0.03
N LYS B 147 9.18 -9.77 -0.24
CA LYS B 147 8.28 -9.86 -1.39
C LYS B 147 8.92 -9.15 -2.58
N THR B 148 9.00 -9.85 -3.72
CA THR B 148 9.30 -9.26 -5.02
C THR B 148 8.02 -8.77 -5.66
N ALA B 149 8.15 -8.07 -6.79
CA ALA B 149 6.97 -7.68 -7.57
C ALA B 149 6.17 -8.90 -8.03
N PHE B 150 6.83 -10.03 -8.34
CA PHE B 150 6.07 -11.22 -8.67
C PHE B 150 5.27 -11.74 -7.48
N ASP B 151 5.87 -11.74 -6.28
CA ASP B 151 5.06 -12.09 -5.10
C ASP B 151 3.83 -11.21 -4.99
N ILE B 152 4.01 -9.91 -5.25
CA ILE B 152 2.86 -9.01 -5.24
C ILE B 152 1.81 -9.42 -6.27
N SER B 153 2.25 -9.86 -7.46
CA SER B 153 1.27 -10.32 -8.45
C SER B 153 0.54 -11.57 -7.95
N ILE B 154 1.25 -12.48 -7.28
CA ILE B 154 0.60 -13.62 -6.63
C ILE B 154 -0.44 -13.15 -5.61
N ASP B 155 -0.05 -12.22 -4.74
CA ASP B 155 -0.94 -11.79 -3.64
C ASP B 155 -2.19 -11.12 -4.16
N ASN B 156 -2.07 -10.39 -5.27
CA ASN B 156 -3.28 -9.83 -5.90
C ASN B 156 -4.01 -10.84 -6.77
N GLY B 157 -3.35 -11.95 -7.14
CA GLY B 157 -4.00 -12.90 -8.04
C GLY B 157 -4.14 -12.33 -9.44
N ASN B 158 -3.21 -11.49 -9.84
CA ASN B 158 -3.35 -10.70 -11.06
C ASN B 158 -2.51 -11.25 -12.22
N GLU B 159 -3.14 -12.07 -13.10
CA GLU B 159 -2.42 -12.66 -14.23
C GLU B 159 -1.85 -11.58 -15.15
N ASP B 160 -2.63 -10.53 -15.43
CA ASP B 160 -2.17 -9.46 -16.33
CA ASP B 160 -2.16 -9.47 -16.32
C ASP B 160 -0.89 -8.82 -15.81
N LEU B 161 -0.82 -8.56 -14.50
CA LEU B 161 0.39 -7.97 -13.95
C LEU B 161 1.57 -8.91 -14.09
N ALA B 162 1.36 -10.21 -13.79
CA ALA B 162 2.46 -11.15 -13.93
C ALA B 162 3.00 -11.16 -15.36
N GLU B 163 2.10 -11.10 -16.34
CA GLU B 163 2.54 -11.10 -17.74
C GLU B 163 3.37 -9.86 -18.07
N ILE B 164 2.98 -8.71 -17.52
CA ILE B 164 3.77 -7.50 -17.75
C ILE B 164 5.13 -7.60 -17.07
N LEU B 165 5.17 -8.13 -15.85
CA LEU B 165 6.46 -8.19 -15.11
C LEU B 165 7.45 -9.12 -15.82
N GLN B 166 6.97 -10.19 -16.45
CA GLN B 166 7.87 -11.15 -17.16
C GLN B 166 8.20 -10.62 -18.56
N LYS B 167 7.64 -9.45 -18.90
CA LYS B 167 7.92 -8.80 -20.20
C LYS B 167 7.48 -9.75 -21.33
N LEU B 168 6.25 -10.23 -21.26
CA LEU B 168 5.71 -11.12 -22.30
C LEU B 168 5.28 -10.27 -23.49
N ASN B 169 5.51 -10.75 -24.70
CA ASN B 169 5.03 -9.99 -25.88
C ASN B 169 3.74 -10.65 -26.40
S SO4 C . -7.52 -20.57 -2.66
O1 SO4 C . -6.89 -19.68 -3.64
O2 SO4 C . -8.16 -21.68 -3.35
O3 SO4 C . -6.44 -21.08 -1.79
O4 SO4 C . -8.50 -19.90 -1.84
S SO4 D . -10.90 -28.93 8.33
O1 SO4 D . -10.28 -30.19 8.64
O2 SO4 D . -12.33 -29.08 8.33
O3 SO4 D . -10.52 -27.95 9.32
O4 SO4 D . -10.47 -28.50 7.03
CL CL E . -14.16 4.00 -10.44
CL CL F . 3.54 -8.93 3.87
C TRS G . -0.83 4.75 2.18
C1 TRS G . -1.93 3.72 1.89
C2 TRS G . 0.35 4.11 2.90
C3 TRS G . -0.34 5.40 0.89
N TRS G . -1.39 5.79 3.08
O1 TRS G . -1.71 3.02 0.68
O2 TRS G . 1.49 4.95 2.81
O3 TRS G . -0.25 6.80 1.00
S SO4 H . -3.85 0.57 -16.14
O1 SO4 H . -4.11 -0.35 -17.24
O2 SO4 H . -3.83 -0.20 -14.88
O3 SO4 H . -2.56 1.24 -16.37
O4 SO4 H . -4.92 1.57 -16.07
S SO4 I . -2.88 9.74 -16.03
O1 SO4 I . -2.97 9.04 -17.33
O2 SO4 I . -4.15 10.40 -15.75
O3 SO4 I . -2.69 8.72 -14.99
O4 SO4 I . -1.75 10.64 -16.08
S SO4 J . -3.95 18.30 -13.99
O1 SO4 J . -3.84 17.88 -15.38
O2 SO4 J . -5.32 18.71 -13.68
O3 SO4 J . -3.69 17.14 -13.13
O4 SO4 J . -3.00 19.41 -13.74
S SO4 K . 2.69 -4.32 1.17
O1 SO4 K . 2.73 -5.00 -0.09
O2 SO4 K . 1.41 -4.51 1.77
O3 SO4 K . 3.71 -4.86 2.03
O4 SO4 K . 2.93 -2.92 0.97
S SO4 L . 1.35 1.47 0.43
O1 SO4 L . 1.34 0.91 -0.88
O2 SO4 L . 0.19 1.04 1.15
O3 SO4 L . 2.53 1.04 1.13
O4 SO4 L . 1.35 2.90 0.32
S SO4 M . 1.32 10.08 1.46
O1 SO4 M . 1.85 11.25 0.78
O2 SO4 M . 0.30 9.39 0.65
O3 SO4 M . 2.37 9.08 1.68
O4 SO4 M . 0.68 10.47 2.69
C TRS N . -5.65 -3.89 -7.97
C1 TRS N . -6.86 -3.41 -7.18
C2 TRS N . -5.55 -3.07 -9.26
C3 TRS N . -5.75 -5.38 -8.28
N TRS N . -4.42 -3.67 -7.15
O1 TRS N . -6.77 -2.04 -6.89
O2 TRS N . -5.60 -1.65 -9.06
O3 TRS N . -4.55 -5.95 -8.83
#